data_9KRG
#
_entry.id   9KRG
#
_cell.length_a   1.00
_cell.length_b   1.00
_cell.length_c   1.00
_cell.angle_alpha   90.00
_cell.angle_beta   90.00
_cell.angle_gamma   90.00
#
_symmetry.space_group_name_H-M   'P 1'
#
_entity_poly.entity_id   1
_entity_poly.type   'polypeptide(L)'
_entity_poly.pdbx_seq_one_letter_code
;MSLAHTAAEYMLSDALLPDRRGPRLKGLRLELPLDRIVKFVAVGSPLLLMSLAFAQEFSSGSPISCFSPSNFSIRQAAYV
DSSCWDSLLHHKQDGPGQDKMKSLWPHKALPYSLLALALLMYLPVLLWQYAAVPALSSDLLFIISELDKSYNRSIRLVQH
MLKIRQKSSDPYVFWNELEKARKERYFEFPLLERYLACKQRSHSLVATYLLRNSLLLIFTSATYLYLGHFHLDVFFQEEF
SCSIKTGLLSDETHVPNLITCRLTSLSIFQIVSLSSVAIYTILVPVIIYNLTRLCRWDKRLLSVYEMLPAFDLLSRKMLG
CPINDLNVILLFLRANISELISFSWLSVLCVLKDTTTQKHNIDTVVDFMTLLAGLEPSKPKHLTNSACDEHPGSGGSGHH
HHHH
;
_entity_poly.pdbx_strand_id   A
#
# COMPACT_ATOMS: atom_id res chain seq x y z
N GLY A 27 24.27 4.89 -6.19
CA GLY A 27 23.71 4.99 -4.85
C GLY A 27 22.58 6.00 -4.75
N LEU A 28 21.89 6.22 -5.87
CA LEU A 28 20.79 7.16 -5.89
C LEU A 28 19.59 6.60 -5.13
N ARG A 29 18.80 7.51 -4.55
CA ARG A 29 17.57 7.15 -3.85
C ARG A 29 16.40 7.51 -4.74
N LEU A 30 15.59 6.50 -5.09
CA LEU A 30 14.57 6.65 -6.12
C LEU A 30 13.15 6.56 -5.56
N GLU A 31 12.99 6.62 -4.25
CA GLU A 31 11.67 6.52 -3.62
C GLU A 31 11.63 7.46 -2.42
N LEU A 32 10.52 8.18 -2.27
CA LEU A 32 10.34 9.08 -1.14
C LEU A 32 10.28 8.27 0.14
N PRO A 33 10.80 8.80 1.26
CA PRO A 33 10.80 8.02 2.51
C PRO A 33 9.41 7.65 2.99
N LEU A 34 8.42 8.52 2.81
CA LEU A 34 7.07 8.23 3.28
C LEU A 34 6.46 7.06 2.52
N ASP A 35 6.64 7.04 1.20
CA ASP A 35 6.09 5.96 0.39
C ASP A 35 6.71 4.62 0.74
N ARG A 36 7.98 4.61 1.15
CA ARG A 36 8.63 3.37 1.57
C ARG A 36 7.91 2.76 2.76
N ILE A 37 7.68 3.55 3.80
CA ILE A 37 7.02 3.01 4.99
C ILE A 37 5.55 2.69 4.69
N VAL A 38 4.92 3.44 3.79
CA VAL A 38 3.53 3.15 3.44
C VAL A 38 3.43 1.80 2.76
N LYS A 39 4.30 1.55 1.78
CA LYS A 39 4.30 0.26 1.09
C LYS A 39 4.65 -0.87 2.05
N PHE A 40 5.62 -0.63 2.95
CA PHE A 40 6.02 -1.68 3.89
C PHE A 40 4.86 -2.05 4.80
N VAL A 41 4.16 -1.07 5.35
CA VAL A 41 3.04 -1.36 6.24
C VAL A 41 1.92 -2.05 5.47
N ALA A 42 1.55 -1.50 4.31
CA ALA A 42 0.39 -1.99 3.58
C ALA A 42 0.61 -3.41 3.06
N VAL A 43 1.85 -3.78 2.75
CA VAL A 43 2.11 -5.14 2.31
C VAL A 43 2.31 -6.08 3.49
N GLY A 44 3.05 -5.65 4.52
CA GLY A 44 3.36 -6.55 5.62
C GLY A 44 2.18 -6.92 6.49
N SER A 45 1.32 -5.95 6.79
CA SER A 45 0.27 -6.21 7.78
C SER A 45 -0.71 -7.32 7.40
N PRO A 46 -1.24 -7.42 6.16
CA PRO A 46 -2.10 -8.57 5.87
C PRO A 46 -1.37 -9.90 5.98
N LEU A 47 -0.09 -9.94 5.63
CA LEU A 47 0.68 -11.18 5.79
C LEU A 47 0.82 -11.56 7.26
N LEU A 48 1.08 -10.57 8.13
CA LEU A 48 1.18 -10.84 9.56
C LEU A 48 -0.15 -11.34 10.12
N LEU A 49 -1.25 -10.71 9.71
CA LEU A 49 -2.57 -11.15 10.18
C LEU A 49 -2.89 -12.55 9.67
N MET A 50 -2.52 -12.86 8.42
CA MET A 50 -2.77 -14.20 7.88
C MET A 50 -1.96 -15.24 8.62
N SER A 51 -0.70 -14.92 8.97
CA SER A 51 0.10 -15.85 9.75
C SER A 51 -0.44 -16.04 11.16
N LEU A 52 -1.00 -14.99 11.76
CA LEU A 52 -1.62 -15.12 13.08
C LEU A 52 -2.89 -15.95 13.05
N ALA A 53 -3.47 -16.21 11.88
CA ALA A 53 -4.62 -17.08 11.76
C ALA A 53 -4.25 -18.49 11.33
N PHE A 54 -3.25 -18.65 10.47
CA PHE A 54 -2.76 -19.99 10.13
C PHE A 54 -2.16 -20.70 11.33
N ALA A 55 -1.41 -19.97 12.15
CA ALA A 55 -0.64 -20.58 13.24
C ALA A 55 -1.50 -20.95 14.43
N GLN A 56 -2.79 -20.62 14.43
CA GLN A 56 -3.66 -20.96 15.53
C GLN A 56 -4.55 -22.16 15.24
N GLU A 57 -5.08 -22.27 14.02
CA GLU A 57 -5.98 -23.37 13.71
C GLU A 57 -5.20 -24.67 13.46
N PHE A 58 -3.94 -24.58 13.03
CA PHE A 58 -3.07 -25.76 13.06
C PHE A 58 -2.80 -26.20 14.49
N SER A 59 -2.77 -25.26 15.43
CA SER A 59 -2.44 -25.60 16.80
C SER A 59 -3.64 -26.22 17.53
N SER A 60 -4.78 -25.55 17.48
CA SER A 60 -5.95 -26.02 18.22
C SER A 60 -6.59 -27.25 17.60
N GLY A 61 -6.20 -27.62 16.39
CA GLY A 61 -6.78 -28.77 15.74
C GLY A 61 -7.92 -28.40 14.81
N SER A 62 -9.12 -28.86 15.12
CA SER A 62 -10.26 -28.46 14.32
C SER A 62 -10.68 -27.03 14.67
N PRO A 63 -11.04 -26.21 13.68
CA PRO A 63 -11.54 -24.86 13.98
C PRO A 63 -13.02 -24.80 14.33
N ILE A 64 -13.65 -25.94 14.61
CA ILE A 64 -15.07 -25.98 14.93
C ILE A 64 -15.33 -27.27 15.70
N SER A 65 -16.18 -27.18 16.71
CA SER A 65 -16.55 -28.35 17.50
C SER A 65 -18.05 -28.57 17.38
N CYS A 66 -18.48 -29.81 17.63
CA CYS A 66 -19.90 -30.13 17.56
C CYS A 66 -20.26 -31.08 18.69
N PHE A 67 -21.42 -30.84 19.30
CA PHE A 67 -21.88 -31.63 20.43
C PHE A 67 -22.71 -32.81 19.92
N SER A 68 -22.01 -33.82 19.44
CA SER A 68 -22.64 -35.02 18.93
C SER A 68 -23.28 -35.79 20.09
N PRO A 69 -24.30 -36.61 19.79
CA PRO A 69 -24.92 -37.42 20.84
C PRO A 69 -23.94 -38.42 21.44
N SER A 70 -24.37 -39.01 22.56
CA SER A 70 -23.47 -39.86 23.34
C SER A 70 -23.16 -41.18 22.64
N ASN A 71 -24.09 -41.71 21.85
CA ASN A 71 -23.95 -43.03 21.24
C ASN A 71 -23.47 -42.93 19.80
N PHE A 72 -22.59 -41.99 19.49
CA PHE A 72 -22.08 -41.80 18.14
C PHE A 72 -20.69 -42.38 17.92
N SER A 73 -20.21 -43.20 18.84
CA SER A 73 -18.89 -43.87 18.73
C SER A 73 -17.82 -42.78 18.62
N ILE A 74 -16.84 -42.94 17.73
CA ILE A 74 -15.77 -41.97 17.55
C ILE A 74 -15.73 -41.44 16.11
N ARG A 75 -15.80 -42.34 15.14
CA ARG A 75 -15.66 -41.92 13.74
C ARG A 75 -16.86 -41.11 13.28
N GLN A 76 -18.06 -41.42 13.77
CA GLN A 76 -19.23 -40.65 13.36
C GLN A 76 -19.16 -39.21 13.87
N ALA A 77 -18.58 -39.00 15.05
CA ALA A 77 -18.39 -37.64 15.53
C ALA A 77 -17.44 -36.86 14.62
N ALA A 78 -16.36 -37.49 14.17
CA ALA A 78 -15.45 -36.84 13.25
C ALA A 78 -16.12 -36.55 11.92
N TYR A 79 -16.97 -37.47 11.45
CA TYR A 79 -17.72 -37.24 10.23
C TYR A 79 -18.66 -36.04 10.37
N VAL A 80 -19.33 -35.94 11.51
CA VAL A 80 -20.22 -34.81 11.76
C VAL A 80 -19.42 -33.52 11.77
N ASP A 81 -18.27 -33.51 12.44
CA ASP A 81 -17.43 -32.32 12.49
C ASP A 81 -17.01 -31.89 11.09
N SER A 82 -16.50 -32.82 10.30
CA SER A 82 -16.02 -32.48 8.95
C SER A 82 -17.17 -32.02 8.07
N SER A 83 -18.33 -32.67 8.15
CA SER A 83 -19.46 -32.29 7.32
C SER A 83 -19.96 -30.90 7.68
N CYS A 84 -20.06 -30.59 8.98
CA CYS A 84 -20.53 -29.27 9.36
C CYS A 84 -19.51 -28.19 9.02
N TRP A 85 -18.22 -28.50 9.10
CA TRP A 85 -17.21 -27.52 8.70
C TRP A 85 -17.24 -27.28 7.21
N ASP A 86 -17.46 -28.32 6.41
CA ASP A 86 -17.53 -28.15 4.96
C ASP A 86 -18.79 -27.37 4.56
N SER A 87 -19.93 -27.71 5.15
CA SER A 87 -21.17 -27.03 4.78
C SER A 87 -21.17 -25.59 5.26
N LEU A 88 -21.07 -25.39 6.57
CA LEU A 88 -21.01 -24.07 7.19
C LEU A 88 -22.24 -23.24 6.83
N LEU A 89 -23.42 -23.79 7.13
CA LEU A 89 -24.68 -23.14 6.80
C LEU A 89 -25.63 -23.28 7.99
N HIS A 90 -25.92 -22.16 8.65
CA HIS A 90 -26.86 -22.16 9.76
C HIS A 90 -28.27 -22.32 9.23
N HIS A 91 -29.01 -23.27 9.80
CA HIS A 91 -30.34 -23.58 9.28
C HIS A 91 -31.40 -22.62 9.81
N LYS A 92 -31.60 -22.59 11.12
CA LYS A 92 -32.64 -21.75 11.70
C LYS A 92 -32.22 -20.28 11.71
N LYS A 102 -27.45 -16.22 7.68
CA LYS A 102 -27.84 -17.61 7.49
C LYS A 102 -26.65 -18.43 7.00
N SER A 103 -25.70 -17.77 6.35
CA SER A 103 -24.48 -18.40 5.85
C SER A 103 -23.28 -17.77 6.52
N LEU A 104 -22.31 -18.61 6.91
CA LEU A 104 -21.14 -18.19 7.65
C LEU A 104 -19.87 -18.48 6.87
N TRP A 105 -19.90 -18.26 5.56
CA TRP A 105 -18.75 -18.53 4.70
C TRP A 105 -17.52 -17.65 4.94
N PRO A 106 -17.61 -16.42 5.46
CA PRO A 106 -16.37 -15.65 5.70
C PRO A 106 -15.40 -16.34 6.65
N HIS A 107 -15.87 -17.17 7.57
CA HIS A 107 -14.97 -17.83 8.51
C HIS A 107 -14.01 -18.76 7.80
N LYS A 108 -14.50 -19.49 6.80
CA LYS A 108 -13.64 -20.42 6.07
C LYS A 108 -12.65 -19.68 5.17
N ALA A 109 -13.09 -18.58 4.56
CA ALA A 109 -12.30 -17.88 3.56
C ALA A 109 -11.56 -16.67 4.14
N LEU A 110 -11.15 -16.74 5.40
CA LEU A 110 -10.42 -15.61 5.98
C LEU A 110 -8.97 -15.55 5.49
N PRO A 111 -8.13 -16.58 5.65
CA PRO A 111 -6.72 -16.41 5.26
C PRO A 111 -6.52 -16.20 3.77
N TYR A 112 -7.35 -16.81 2.91
CA TYR A 112 -7.19 -16.60 1.48
C TYR A 112 -7.58 -15.19 1.07
N SER A 113 -8.66 -14.65 1.63
CA SER A 113 -9.03 -13.27 1.40
C SER A 113 -7.99 -12.29 1.94
N LEU A 114 -7.33 -12.63 3.05
CA LEU A 114 -6.22 -11.82 3.54
C LEU A 114 -5.00 -11.89 2.63
N LEU A 115 -4.69 -13.07 2.09
CA LEU A 115 -3.59 -13.23 1.16
C LEU A 115 -3.80 -12.47 -0.14
N ALA A 116 -5.04 -12.42 -0.63
CA ALA A 116 -5.32 -11.65 -1.85
C ALA A 116 -5.02 -10.17 -1.65
N LEU A 117 -5.25 -9.66 -0.43
CA LEU A 117 -4.96 -8.26 -0.14
C LEU A 117 -3.47 -7.96 -0.28
N ALA A 118 -2.61 -8.93 0.03
CA ALA A 118 -1.17 -8.71 -0.14
C ALA A 118 -0.81 -8.46 -1.59
N LEU A 119 -1.35 -9.27 -2.51
CA LEU A 119 -1.08 -9.07 -3.92
C LEU A 119 -1.70 -7.77 -4.42
N LEU A 120 -2.90 -7.44 -3.93
CA LEU A 120 -3.53 -6.19 -4.32
C LEU A 120 -2.71 -4.98 -3.89
N MET A 121 -2.10 -5.06 -2.69
CA MET A 121 -1.21 -3.98 -2.26
C MET A 121 0.10 -3.97 -3.02
N TYR A 122 0.62 -5.15 -3.38
CA TYR A 122 1.90 -5.21 -4.07
C TYR A 122 1.83 -4.77 -5.52
N LEU A 123 0.65 -4.83 -6.14
CA LEU A 123 0.54 -4.47 -7.55
C LEU A 123 0.98 -3.03 -7.85
N PRO A 124 0.54 -2.00 -7.12
CA PRO A 124 1.03 -0.64 -7.44
C PRO A 124 2.54 -0.48 -7.29
N VAL A 125 3.15 -1.19 -6.34
CA VAL A 125 4.60 -1.13 -6.21
C VAL A 125 5.27 -1.69 -7.46
N LEU A 126 4.74 -2.79 -7.99
CA LEU A 126 5.26 -3.34 -9.23
C LEU A 126 5.08 -2.37 -10.38
N LEU A 127 3.93 -1.70 -10.44
CA LEU A 127 3.68 -0.73 -11.50
C LEU A 127 4.70 0.40 -11.46
N TRP A 128 4.94 0.96 -10.26
CA TRP A 128 5.92 2.02 -10.14
C TRP A 128 7.33 1.53 -10.44
N GLN A 129 7.63 0.28 -10.08
CA GLN A 129 8.97 -0.25 -10.32
C GLN A 129 9.23 -0.47 -11.80
N TYR A 130 8.22 -0.91 -12.54
CA TYR A 130 8.42 -1.30 -13.94
C TYR A 130 7.87 -0.29 -14.94
N ALA A 131 7.41 0.87 -14.49
CA ALA A 131 6.85 1.84 -15.42
C ALA A 131 7.34 3.27 -15.26
N ALA A 132 7.99 3.61 -14.14
CA ALA A 132 8.34 5.01 -13.92
C ALA A 132 9.81 5.21 -13.61
N VAL A 133 10.41 4.28 -12.86
CA VAL A 133 11.77 4.48 -12.37
C VAL A 133 12.83 4.44 -13.48
N PRO A 134 12.69 3.70 -14.61
CA PRO A 134 13.79 3.74 -15.59
C PRO A 134 13.98 5.10 -16.24
N ALA A 135 12.89 5.74 -16.68
CA ALA A 135 13.01 7.07 -17.27
C ALA A 135 13.47 8.10 -16.25
N LEU A 136 12.89 8.04 -15.04
CA LEU A 136 13.20 9.05 -14.04
C LEU A 136 14.63 8.92 -13.53
N SER A 137 15.17 7.71 -13.51
CA SER A 137 16.56 7.52 -13.11
C SER A 137 17.51 8.25 -14.03
N SER A 138 17.33 8.08 -15.35
CA SER A 138 18.16 8.78 -16.31
C SER A 138 17.93 10.29 -16.24
N ASP A 139 16.66 10.70 -16.09
CA ASP A 139 16.34 12.11 -16.02
C ASP A 139 16.93 12.78 -14.79
N LEU A 140 17.12 12.02 -13.71
CA LEU A 140 17.76 12.57 -12.52
C LEU A 140 19.27 12.58 -12.66
N LEU A 141 19.85 11.53 -13.23
CA LEU A 141 21.30 11.48 -13.40
C LEU A 141 21.78 12.60 -14.30
N PHE A 142 21.09 12.81 -15.42
CA PHE A 142 21.51 13.86 -16.36
C PHE A 142 21.41 15.24 -15.72
N ILE A 143 20.30 15.52 -15.04
CA ILE A 143 20.12 16.85 -14.45
C ILE A 143 21.11 17.06 -13.31
N ILE A 144 21.42 16.01 -12.54
CA ILE A 144 22.40 16.14 -11.47
C ILE A 144 23.78 16.45 -12.03
N SER A 145 24.19 15.71 -13.06
CA SER A 145 25.52 15.93 -13.64
C SER A 145 25.62 17.33 -14.22
N GLU A 146 24.61 17.78 -14.96
CA GLU A 146 24.73 19.10 -15.57
C GLU A 146 24.56 20.21 -14.55
N LEU A 147 23.81 19.97 -13.47
CA LEU A 147 23.76 20.95 -12.38
C LEU A 147 25.13 21.11 -11.72
N ASP A 148 25.82 19.98 -11.50
CA ASP A 148 27.16 20.04 -10.92
C ASP A 148 28.10 20.78 -11.87
N LYS A 149 27.99 20.52 -13.17
CA LYS A 149 28.83 21.21 -14.14
C LYS A 149 28.56 22.71 -14.13
N SER A 150 27.29 23.11 -14.06
CA SER A 150 26.96 24.54 -14.03
C SER A 150 27.49 25.21 -12.77
N TYR A 151 27.39 24.53 -11.62
CA TYR A 151 27.93 25.08 -10.39
C TYR A 151 29.45 25.26 -10.52
N ASN A 152 30.13 24.27 -11.10
CA ASN A 152 31.57 24.37 -11.29
C ASN A 152 31.93 25.54 -12.21
N ARG A 153 31.14 25.74 -13.27
CA ARG A 153 31.39 26.86 -14.16
C ARG A 153 31.17 28.19 -13.46
N SER A 154 30.10 28.29 -12.66
CA SER A 154 29.83 29.53 -11.93
C SER A 154 30.85 29.80 -10.85
N ILE A 155 31.57 28.77 -10.40
CA ILE A 155 32.61 28.97 -9.39
C ILE A 155 33.67 29.94 -9.90
N ARG A 156 34.09 29.79 -11.16
CA ARG A 156 35.09 30.69 -11.72
C ARG A 156 34.56 32.12 -11.84
N LEU A 157 33.25 32.29 -11.97
CA LEU A 157 32.67 33.62 -11.97
C LEU A 157 32.52 34.19 -10.57
N VAL A 158 32.47 33.32 -9.55
CA VAL A 158 32.33 33.78 -8.17
C VAL A 158 33.56 34.57 -7.74
N GLN A 159 34.75 34.11 -8.09
CA GLN A 159 36.00 34.69 -7.58
C GLN A 159 36.35 36.03 -8.24
N HIS A 160 35.44 36.68 -8.96
CA HIS A 160 35.71 37.97 -9.58
C HIS A 160 36.07 39.02 -8.53
N LYS A 183 26.66 40.13 -19.53
CA LYS A 183 26.38 38.97 -18.69
C LYS A 183 26.23 37.71 -19.54
N GLU A 184 27.33 36.97 -19.70
CA GLU A 184 27.34 35.74 -20.48
C GLU A 184 27.03 34.54 -19.58
N ARG A 185 25.90 34.63 -18.89
CA ARG A 185 25.45 33.58 -17.97
C ARG A 185 24.05 33.08 -18.28
N TYR A 186 23.15 33.95 -18.71
CA TYR A 186 21.78 33.52 -19.03
C TYR A 186 21.77 32.54 -20.20
N PHE A 187 22.53 32.85 -21.25
CA PHE A 187 22.63 31.96 -22.40
C PHE A 187 23.66 30.86 -22.22
N GLU A 188 24.37 30.85 -21.09
CA GLU A 188 25.45 29.90 -20.88
C GLU A 188 24.98 28.47 -20.72
N PHE A 189 23.69 28.24 -20.47
CA PHE A 189 23.14 26.90 -20.27
C PHE A 189 21.91 26.72 -21.15
N PRO A 190 22.12 26.49 -22.45
CA PRO A 190 20.97 26.30 -23.35
C PRO A 190 20.24 24.98 -23.08
N LEU A 191 20.99 23.95 -22.69
CA LEU A 191 20.41 22.64 -22.41
C LEU A 191 19.45 22.70 -21.24
N LEU A 192 19.83 23.42 -20.18
CA LEU A 192 18.99 23.54 -19.00
C LEU A 192 17.68 24.25 -19.28
N GLU A 193 17.58 24.96 -20.41
CA GLU A 193 16.33 25.60 -20.78
C GLU A 193 15.54 24.78 -21.78
N ARG A 194 16.18 24.27 -22.84
CA ARG A 194 15.47 23.47 -23.83
C ARG A 194 14.97 22.16 -23.25
N TYR A 195 15.84 21.42 -22.56
CA TYR A 195 15.43 20.15 -21.97
C TYR A 195 14.34 20.33 -20.93
N LEU A 196 14.45 21.34 -20.08
CA LEU A 196 13.46 21.59 -19.05
C LEU A 196 12.15 22.11 -19.61
N ALA A 197 12.17 22.79 -20.76
CA ALA A 197 10.94 23.22 -21.40
C ALA A 197 10.26 22.06 -22.08
N CYS A 198 11.07 21.12 -22.61
CA CYS A 198 10.50 19.93 -23.22
C CYS A 198 9.82 19.05 -22.18
N LYS A 199 10.44 18.89 -21.00
CA LYS A 199 9.87 18.04 -19.97
C LYS A 199 8.66 18.69 -19.30
N GLN A 200 8.65 20.02 -19.21
CA GLN A 200 7.52 20.72 -18.59
C GLN A 200 6.24 20.59 -19.40
N ARG A 201 6.35 20.39 -20.72
CA ARG A 201 5.18 20.26 -21.57
C ARG A 201 4.64 18.84 -21.65
N SER A 202 5.34 17.87 -21.07
CA SER A 202 4.91 16.48 -21.11
C SER A 202 3.90 16.20 -20.01
N HIS A 203 3.35 14.98 -20.04
CA HIS A 203 2.51 14.47 -18.96
C HIS A 203 2.80 12.99 -18.71
N SER A 204 4.04 12.56 -18.88
CA SER A 204 4.35 11.15 -19.00
C SER A 204 4.23 10.39 -17.68
N LEU A 205 5.07 10.71 -16.70
CA LEU A 205 5.14 9.88 -15.49
C LEU A 205 4.42 10.50 -14.30
N VAL A 206 3.94 11.74 -14.41
CA VAL A 206 3.09 12.29 -13.36
C VAL A 206 1.80 11.49 -13.27
N ALA A 207 1.29 11.00 -14.40
CA ALA A 207 0.08 10.19 -14.40
C ALA A 207 0.28 8.91 -13.62
N THR A 208 1.44 8.26 -13.79
CA THR A 208 1.72 7.04 -13.03
C THR A 208 1.82 7.33 -11.54
N TYR A 209 2.46 8.44 -11.17
CA TYR A 209 2.59 8.80 -9.77
C TYR A 209 1.24 9.05 -9.13
N LEU A 210 0.34 9.74 -9.85
CA LEU A 210 -1.01 9.92 -9.33
C LEU A 210 -1.75 8.60 -9.26
N LEU A 211 -1.62 7.76 -10.29
CA LEU A 211 -2.42 6.55 -10.39
C LEU A 211 -2.02 5.50 -9.36
N ARG A 212 -0.76 5.49 -8.92
CA ARG A 212 -0.36 4.57 -7.86
C ARG A 212 -1.15 4.83 -6.58
N ASN A 213 -1.14 6.09 -6.14
CA ASN A 213 -1.90 6.45 -4.94
C ASN A 213 -3.40 6.29 -5.15
N SER A 214 -3.89 6.59 -6.36
CA SER A 214 -5.30 6.40 -6.64
C SER A 214 -5.69 4.93 -6.51
N LEU A 215 -4.85 4.02 -7.02
CA LEU A 215 -5.12 2.60 -6.89
C LEU A 215 -5.08 2.15 -5.45
N LEU A 216 -4.13 2.67 -4.67
CA LEU A 216 -4.07 2.32 -3.26
C LEU A 216 -5.34 2.77 -2.53
N LEU A 217 -5.81 3.98 -2.81
CA LEU A 217 -7.05 4.47 -2.19
C LEU A 217 -8.24 3.63 -2.61
N ILE A 218 -8.31 3.27 -3.90
CA ILE A 218 -9.44 2.48 -4.40
C ILE A 218 -9.46 1.11 -3.72
N PHE A 219 -8.31 0.48 -3.58
CA PHE A 219 -8.28 -0.83 -2.93
C PHE A 219 -8.57 -0.74 -1.44
N THR A 220 -8.16 0.34 -0.78
CA THR A 220 -8.56 0.55 0.61
C THR A 220 -10.07 0.68 0.74
N SER A 221 -10.68 1.44 -0.18
CA SER A 221 -12.14 1.56 -0.17
C SER A 221 -12.81 0.22 -0.42
N ALA A 222 -12.24 -0.59 -1.32
CA ALA A 222 -12.79 -1.92 -1.57
C ALA A 222 -12.70 -2.80 -0.32
N THR A 223 -11.58 -2.73 0.40
CA THR A 223 -11.46 -3.48 1.65
C THR A 223 -12.50 -3.03 2.66
N TYR A 224 -12.70 -1.71 2.77
CA TYR A 224 -13.75 -1.17 3.63
C TYR A 224 -15.10 -1.75 3.29
N LEU A 225 -15.46 -1.72 2.00
CA LEU A 225 -16.77 -2.21 1.58
C LEU A 225 -16.93 -3.70 1.87
N TYR A 226 -15.90 -4.48 1.55
CA TYR A 226 -15.96 -5.93 1.78
C TYR A 226 -16.15 -6.24 3.25
N LEU A 227 -15.32 -5.63 4.11
CA LEU A 227 -15.43 -5.91 5.54
C LEU A 227 -16.78 -5.46 6.09
N GLY A 228 -17.16 -4.21 5.84
CA GLY A 228 -18.40 -3.69 6.38
C GLY A 228 -19.65 -4.31 5.79
N HIS A 229 -19.54 -5.01 4.67
CA HIS A 229 -20.72 -5.66 4.09
C HIS A 229 -20.80 -7.14 4.43
N PHE A 230 -19.69 -7.80 4.77
CA PHE A 230 -19.74 -9.21 5.07
C PHE A 230 -19.43 -9.55 6.52
N HIS A 231 -18.35 -9.02 7.08
CA HIS A 231 -17.95 -9.44 8.42
C HIS A 231 -18.85 -8.88 9.50
N LEU A 232 -19.63 -7.84 9.21
CA LEU A 232 -20.42 -7.19 10.25
C LEU A 232 -21.59 -8.06 10.70
N ASP A 233 -22.19 -8.80 9.78
CA ASP A 233 -23.39 -9.56 10.09
C ASP A 233 -23.11 -10.89 10.79
N VAL A 234 -21.85 -11.28 10.93
CA VAL A 234 -21.49 -12.53 11.59
C VAL A 234 -20.76 -12.30 12.90
N PHE A 235 -20.63 -11.05 13.35
CA PHE A 235 -20.11 -10.80 14.68
C PHE A 235 -21.09 -11.31 15.74
N PHE A 236 -20.54 -11.65 16.90
CA PHE A 236 -21.32 -12.13 18.05
C PHE A 236 -22.15 -13.36 17.69
N GLN A 237 -21.67 -14.17 16.76
CA GLN A 237 -22.33 -15.41 16.35
C GLN A 237 -21.29 -16.52 16.50
N GLU A 238 -21.36 -17.25 17.61
CA GLU A 238 -20.35 -18.24 17.93
C GLU A 238 -20.83 -19.67 17.75
N GLU A 239 -22.12 -19.89 17.56
CA GLU A 239 -22.64 -21.24 17.42
C GLU A 239 -23.84 -21.23 16.48
N PHE A 240 -24.09 -22.39 15.87
CA PHE A 240 -25.15 -22.53 14.89
C PHE A 240 -25.63 -23.97 14.86
N SER A 241 -26.84 -24.16 14.35
CA SER A 241 -27.47 -25.48 14.26
C SER A 241 -27.20 -26.04 12.87
N CYS A 242 -26.20 -26.92 12.77
CA CYS A 242 -25.86 -27.55 11.51
C CYS A 242 -26.66 -28.84 11.33
N SER A 243 -26.89 -29.21 10.08
CA SER A 243 -27.66 -30.40 9.75
C SER A 243 -26.91 -31.20 8.70
N ILE A 244 -27.11 -32.53 8.73
CA ILE A 244 -26.46 -33.42 7.79
C ILE A 244 -27.48 -34.33 7.14
N LYS A 245 -28.70 -34.32 7.66
CA LYS A 245 -29.77 -35.16 7.15
C LYS A 245 -30.49 -34.53 5.96
N THR A 246 -29.72 -34.17 4.94
CA THR A 246 -30.26 -33.55 3.73
C THR A 246 -30.18 -34.45 2.51
N GLY A 247 -29.05 -35.10 2.28
CA GLY A 247 -28.88 -35.94 1.11
C GLY A 247 -29.30 -37.38 1.35
N LEU A 248 -28.43 -38.32 0.99
CA LEU A 248 -28.74 -39.74 1.15
C LEU A 248 -28.78 -40.18 2.61
N LEU A 249 -28.26 -39.37 3.53
CA LEU A 249 -28.30 -39.74 4.94
C LEU A 249 -29.69 -39.62 5.54
N SER A 250 -30.64 -39.04 4.82
CA SER A 250 -32.01 -38.91 5.32
C SER A 250 -32.67 -40.28 5.38
N ASP A 251 -33.89 -40.30 5.92
CA ASP A 251 -34.66 -41.51 6.16
C ASP A 251 -33.83 -42.53 6.95
N GLU A 252 -33.11 -42.04 7.95
CA GLU A 252 -32.27 -42.90 8.77
C GLU A 252 -32.43 -42.34 10.18
N THR A 253 -33.00 -43.14 11.09
CA THR A 253 -33.51 -42.64 12.35
C THR A 253 -32.44 -42.39 13.41
N HIS A 254 -31.24 -42.96 13.27
CA HIS A 254 -30.25 -42.88 14.33
C HIS A 254 -29.73 -41.46 14.52
N VAL A 255 -29.37 -40.79 13.43
CA VAL A 255 -28.81 -39.44 13.49
C VAL A 255 -29.92 -38.44 13.81
N PRO A 256 -29.72 -37.53 14.75
CA PRO A 256 -30.75 -36.54 15.06
C PRO A 256 -30.91 -35.53 13.95
N ASN A 257 -32.02 -34.78 14.03
CA ASN A 257 -32.37 -33.84 12.97
C ASN A 257 -31.39 -32.68 12.91
N LEU A 258 -31.07 -32.09 14.06
CA LEU A 258 -30.22 -30.90 14.12
C LEU A 258 -29.12 -31.12 15.15
N ILE A 259 -27.91 -30.67 14.82
CA ILE A 259 -26.75 -30.83 15.69
C ILE A 259 -26.16 -29.45 15.95
N THR A 260 -26.02 -29.10 17.22
CA THR A 260 -25.42 -27.83 17.58
C THR A 260 -23.91 -27.88 17.36
N CYS A 261 -23.35 -26.80 16.83
CA CYS A 261 -21.91 -26.70 16.63
C CYS A 261 -21.45 -25.30 17.01
N ARG A 262 -20.21 -25.20 17.46
CA ARG A 262 -19.64 -23.95 17.93
C ARG A 262 -18.33 -23.67 17.21
N LEU A 263 -18.18 -22.41 16.78
CA LEU A 263 -16.92 -21.95 16.21
C LEU A 263 -15.92 -21.68 17.33
N THR A 264 -14.70 -22.17 17.16
CA THR A 264 -13.66 -22.04 18.18
C THR A 264 -12.66 -20.93 17.86
N SER A 265 -12.91 -20.15 16.82
CA SER A 265 -11.97 -19.13 16.38
C SER A 265 -12.66 -17.78 16.16
N LEU A 266 -13.69 -17.49 16.95
CA LEU A 266 -14.36 -16.20 16.82
C LEU A 266 -13.46 -15.06 17.29
N SER A 267 -12.63 -15.32 18.31
CA SER A 267 -11.73 -14.27 18.81
C SER A 267 -10.73 -13.85 17.75
N ILE A 268 -10.15 -14.81 17.02
CA ILE A 268 -9.22 -14.48 15.95
C ILE A 268 -9.92 -13.67 14.87
N PHE A 269 -11.14 -14.07 14.51
CA PHE A 269 -11.92 -13.34 13.53
C PHE A 269 -12.13 -11.89 13.94
N GLN A 270 -12.60 -11.67 15.17
CA GLN A 270 -12.87 -10.33 15.65
C GLN A 270 -11.60 -9.49 15.69
N ILE A 271 -10.51 -10.07 16.20
CA ILE A 271 -9.27 -9.33 16.36
C ILE A 271 -8.71 -8.95 14.99
N VAL A 272 -8.72 -9.88 14.04
CA VAL A 272 -8.20 -9.59 12.70
C VAL A 272 -9.03 -8.50 12.05
N SER A 273 -10.36 -8.59 12.13
CA SER A 273 -11.20 -7.58 11.50
C SER A 273 -10.95 -6.21 12.10
N LEU A 274 -10.97 -6.11 13.43
CA LEU A 274 -10.80 -4.82 14.08
C LEU A 274 -9.43 -4.22 13.79
N SER A 275 -8.37 -5.04 13.88
CA SER A 275 -7.03 -4.55 13.65
C SER A 275 -6.86 -4.06 12.23
N SER A 276 -7.36 -4.84 11.25
CA SER A 276 -7.23 -4.43 9.85
C SER A 276 -7.96 -3.13 9.58
N VAL A 277 -9.18 -3.00 10.12
CA VAL A 277 -9.93 -1.75 9.93
C VAL A 277 -9.15 -0.58 10.53
N ALA A 278 -8.58 -0.76 11.73
CA ALA A 278 -7.86 0.33 12.38
C ALA A 278 -6.64 0.76 11.57
N ILE A 279 -5.84 -0.20 11.12
CA ILE A 279 -4.59 0.17 10.46
C ILE A 279 -4.87 0.79 9.10
N TYR A 280 -5.85 0.24 8.36
CA TYR A 280 -6.15 0.83 7.06
C TYR A 280 -6.92 2.13 7.19
N THR A 281 -7.48 2.42 8.37
CA THR A 281 -7.95 3.78 8.63
C THR A 281 -6.78 4.72 8.86
N ILE A 282 -5.77 4.27 9.61
CA ILE A 282 -4.60 5.10 9.89
C ILE A 282 -3.85 5.43 8.60
N LEU A 283 -3.80 4.48 7.67
CA LEU A 283 -2.97 4.62 6.48
C LEU A 283 -3.55 5.54 5.41
N VAL A 284 -4.76 6.07 5.60
CA VAL A 284 -5.39 6.91 4.57
C VAL A 284 -4.86 8.34 4.57
N PRO A 285 -4.76 9.04 5.72
CA PRO A 285 -4.28 10.44 5.66
C PRO A 285 -2.88 10.59 5.10
N VAL A 286 -1.98 9.64 5.36
CA VAL A 286 -0.64 9.75 4.80
C VAL A 286 -0.69 9.60 3.28
N ILE A 287 -1.55 8.70 2.79
CA ILE A 287 -1.70 8.52 1.34
C ILE A 287 -2.23 9.80 0.70
N ILE A 288 -3.26 10.39 1.31
CA ILE A 288 -3.82 11.60 0.70
C ILE A 288 -2.84 12.77 0.81
N TYR A 289 -2.02 12.79 1.86
CA TYR A 289 -0.98 13.82 1.95
C TYR A 289 0.04 13.66 0.85
N ASN A 290 0.47 12.43 0.58
CA ASN A 290 1.40 12.18 -0.51
C ASN A 290 0.80 12.56 -1.86
N LEU A 291 -0.49 12.27 -2.05
CA LEU A 291 -1.14 12.63 -3.30
C LEU A 291 -1.24 14.14 -3.46
N THR A 292 -1.56 14.86 -2.38
CA THR A 292 -1.75 16.29 -2.43
C THR A 292 -0.45 17.07 -2.30
N ARG A 293 0.68 16.39 -2.09
CA ARG A 293 1.95 17.09 -1.89
C ARG A 293 2.34 17.90 -3.11
N LEU A 294 2.15 17.35 -4.30
CA LEU A 294 2.58 18.03 -5.52
C LEU A 294 1.62 19.13 -5.97
N CYS A 295 0.41 19.20 -5.40
CA CYS A 295 -0.56 20.19 -5.85
C CYS A 295 -0.07 21.60 -5.57
N ARG A 296 0.51 21.83 -4.40
CA ARG A 296 1.12 23.12 -4.10
C ARG A 296 2.48 23.21 -4.77
N TRP A 297 2.80 24.39 -5.30
CA TRP A 297 4.06 24.56 -6.00
C TRP A 297 5.22 24.42 -5.03
N ASP A 298 6.25 23.70 -5.44
CA ASP A 298 7.40 23.46 -4.57
C ASP A 298 8.32 24.68 -4.59
N LYS A 299 8.68 25.17 -3.40
CA LYS A 299 9.56 26.32 -3.25
C LYS A 299 10.65 26.00 -2.25
N ARG A 300 11.86 26.47 -2.53
CA ARG A 300 12.99 26.25 -1.62
C ARG A 300 13.12 27.42 -0.65
N PRO A 309 22.63 31.09 -9.60
CA PRO A 309 22.66 31.09 -11.07
C PRO A 309 21.73 30.05 -11.67
N ALA A 310 22.06 28.77 -11.47
CA ALA A 310 21.22 27.69 -11.98
C ALA A 310 19.86 27.67 -11.29
N PHE A 311 19.84 27.88 -9.97
CA PHE A 311 18.56 27.92 -9.26
C PHE A 311 17.74 29.13 -9.66
N ASP A 312 18.39 30.22 -10.09
CA ASP A 312 17.65 31.34 -10.65
C ASP A 312 16.94 30.95 -11.95
N LEU A 313 17.60 30.19 -12.81
CA LEU A 313 16.95 29.70 -14.03
C LEU A 313 15.83 28.72 -13.68
N LEU A 314 16.03 27.92 -12.63
CA LEU A 314 14.96 27.05 -12.16
C LEU A 314 13.74 27.86 -11.73
N SER A 315 13.97 28.95 -10.99
CA SER A 315 12.87 29.78 -10.52
C SER A 315 12.26 30.59 -11.67
N ARG A 316 12.99 30.77 -12.76
CA ARG A 316 12.51 31.54 -13.89
C ARG A 316 11.29 30.90 -14.55
N LYS A 317 11.29 29.57 -14.67
CA LYS A 317 10.13 28.88 -15.22
C LYS A 317 9.34 28.20 -14.11
N MET A 318 9.22 28.87 -12.96
CA MET A 318 8.58 28.32 -11.79
C MET A 318 7.21 29.01 -11.66
N LEU A 319 6.23 28.50 -12.42
CA LEU A 319 4.92 29.13 -12.53
C LEU A 319 4.01 28.21 -13.33
N GLY A 320 2.77 28.68 -13.54
CA GLY A 320 1.80 27.97 -14.34
C GLY A 320 1.10 26.88 -13.56
N CYS A 321 0.35 26.06 -14.30
CA CYS A 321 -0.34 24.93 -13.70
C CYS A 321 0.68 23.95 -13.15
N PRO A 322 0.50 23.43 -11.94
CA PRO A 322 1.55 22.63 -11.32
C PRO A 322 1.50 21.15 -11.69
N ILE A 323 0.67 20.78 -12.66
CA ILE A 323 0.59 19.39 -13.07
C ILE A 323 1.47 19.15 -14.29
N ASN A 324 2.75 18.90 -14.06
CA ASN A 324 3.69 18.53 -15.13
C ASN A 324 4.58 17.40 -14.66
N ASP A 325 5.56 17.03 -15.48
CA ASP A 325 6.65 16.16 -15.03
C ASP A 325 7.73 16.93 -14.31
N LEU A 326 7.65 18.25 -14.30
CA LEU A 326 8.65 19.06 -13.60
C LEU A 326 8.50 18.94 -12.09
N ASN A 327 7.27 18.85 -11.59
CA ASN A 327 7.06 18.83 -10.15
C ASN A 327 7.64 17.56 -9.52
N VAL A 328 7.45 16.42 -10.16
CA VAL A 328 7.93 15.17 -9.58
C VAL A 328 9.45 15.12 -9.57
N ILE A 329 10.09 15.59 -10.66
CA ILE A 329 11.55 15.56 -10.67
C ILE A 329 12.10 16.61 -9.71
N LEU A 330 11.41 17.72 -9.51
CA LEU A 330 11.82 18.68 -8.50
C LEU A 330 11.71 18.09 -7.10
N LEU A 331 10.64 17.34 -6.83
CA LEU A 331 10.49 16.69 -5.53
C LEU A 331 11.60 15.68 -5.29
N PHE A 332 11.93 14.88 -6.31
CA PHE A 332 13.00 13.90 -6.15
C PHE A 332 14.36 14.57 -6.03
N LEU A 333 14.56 15.70 -6.70
CA LEU A 333 15.79 16.45 -6.53
C LEU A 333 15.93 16.99 -5.12
N ARG A 334 14.83 17.53 -4.57
CA ARG A 334 14.86 18.04 -3.20
C ARG A 334 15.09 16.92 -2.19
N ALA A 335 14.49 15.75 -2.43
CA ALA A 335 14.70 14.62 -1.53
C ALA A 335 16.07 14.00 -1.68
N ASN A 336 16.82 14.33 -2.74
CA ASN A 336 18.15 13.80 -2.99
C ASN A 336 19.18 14.91 -3.05
N ILE A 337 19.02 15.92 -2.19
CA ILE A 337 19.92 17.07 -2.19
C ILE A 337 21.32 16.69 -1.71
N SER A 338 21.45 15.58 -0.99
CA SER A 338 22.74 15.20 -0.41
C SER A 338 23.73 14.68 -1.45
N GLU A 339 23.28 14.37 -2.66
CA GLU A 339 24.19 13.83 -3.67
C GLU A 339 25.17 14.87 -4.17
N LEU A 340 24.67 16.06 -4.49
CA LEU A 340 25.54 17.13 -4.97
C LEU A 340 26.10 17.91 -3.80
N ILE A 341 26.84 18.98 -4.12
CA ILE A 341 27.49 19.80 -3.09
C ILE A 341 26.46 20.70 -2.44
N SER A 342 26.00 20.32 -1.24
CA SER A 342 25.01 21.07 -0.49
C SER A 342 25.65 21.86 0.66
N PHE A 343 26.90 22.31 0.46
CA PHE A 343 27.57 23.08 1.49
C PHE A 343 26.86 24.39 1.77
N SER A 344 26.44 25.09 0.71
CA SER A 344 25.71 26.35 0.87
C SER A 344 24.25 26.14 1.22
N TRP A 345 23.73 24.91 1.07
CA TRP A 345 22.33 24.65 1.40
C TRP A 345 22.08 24.70 2.90
N LEU A 346 23.04 24.22 3.69
CA LEU A 346 22.86 24.15 5.14
C LEU A 346 23.01 25.49 5.84
N SER A 347 23.49 26.51 5.15
CA SER A 347 23.72 27.83 5.75
C SER A 347 22.65 28.84 5.37
N VAL A 348 21.40 28.39 5.23
CA VAL A 348 20.31 29.28 4.88
C VAL A 348 19.95 30.18 6.05
N ASP A 367 29.28 40.17 0.54
CA ASP A 367 28.18 39.65 1.34
C ASP A 367 27.95 38.17 1.06
N PHE A 368 26.93 37.88 0.25
CA PHE A 368 26.65 36.50 -0.11
C PHE A 368 27.79 35.89 -0.91
N MET A 369 28.38 36.67 -1.83
CA MET A 369 29.52 36.18 -2.58
C MET A 369 30.73 35.96 -1.68
N THR A 370 30.91 36.84 -0.69
CA THR A 370 32.01 36.65 0.26
C THR A 370 31.85 35.37 1.05
N LEU A 371 30.61 35.06 1.48
CA LEU A 371 30.36 33.80 2.17
C LEU A 371 30.57 32.61 1.24
N LEU A 372 30.13 32.73 -0.01
CA LEU A 372 30.27 31.63 -0.96
C LEU A 372 31.69 31.47 -1.48
N ALA A 373 32.59 32.42 -1.18
CA ALA A 373 33.97 32.32 -1.65
C ALA A 373 34.67 31.12 -1.07
N GLY A 374 34.43 30.81 0.20
CA GLY A 374 35.04 29.66 0.84
C GLY A 374 34.51 28.34 0.32
#